data_4FB3
#
_entry.id   4FB3
#
_cell.length_a   165.150
_cell.length_b   167.922
_cell.length_c   77.728
_cell.angle_alpha   90.00
_cell.angle_beta   90.00
_cell.angle_gamma   90.00
#
_symmetry.space_group_name_H-M   'C 2 2 21'
#
loop_
_entity.id
_entity.type
_entity.pdbx_description
1 polymer 'ORI DNA oligonucleotide-Crick strand'
2 polymer 'ORI DNA oligonucleotide-Watson strand'
3 polymer 'Large T antigen'
#
loop_
_entity_poly.entity_id
_entity_poly.type
_entity_poly.pdbx_seq_one_letter_code
_entity_poly.pdbx_strand_id
1 'polydeoxyribonucleotide'
;(DC)(DG)(DG)(DA)(DG)(DG)(DC)(DC)(DA)(DG)(DG)(DG)(DG)(DC)(DC)(DC)(DC)(DC)(DG)(DG)
(DC)(DC)(DT)(DC)(DT)(DG)
;
C
2 'polydeoxyribonucleotide'
;(DG)(DC)(DA)(DG)(DA)(DG)(DG)(DC)(DC)(DG)(DG)(DG)(DG)(DG)(DC)(DC)(DC)(DC)(DT)(DG)
(DG)(DC)(DC)(DT)(DC)(DC)
;
W
3 'polypeptide(L)'
;MHHHHHHSDFPSSLTGYLSHAIYSNKTFPAFLVYSTKEKCKQLYDTIGKFRPEFKCLVHYEEGGMLFFLTMTKHRVSAVK
NYCSKLCSVSFLMCKAVTKPMECYQVVTAAPFQLITENKPGLHQFEFTDEPEEQKAVDGSHHHHHH
;
A,B,E
#
# COMPACT_ATOMS: atom_id res chain seq x y z
N SER C 8 -14.45 -17.34 -0.13
CA SER C 8 -13.50 -17.28 -1.24
C SER C 8 -12.33 -16.34 -0.94
N ASP C 9 -11.58 -16.64 0.12
CA ASP C 9 -10.36 -15.92 0.45
C ASP C 9 -9.16 -16.78 0.08
N PHE C 10 -8.02 -16.52 0.70
CA PHE C 10 -6.83 -17.33 0.48
C PHE C 10 -6.87 -18.58 1.34
N PRO C 11 -6.35 -19.70 0.81
CA PRO C 11 -6.25 -20.99 1.51
C PRO C 11 -5.67 -20.84 2.92
N SER C 12 -6.17 -21.65 3.84
CA SER C 12 -5.79 -21.56 5.24
C SER C 12 -4.32 -21.90 5.45
N SER C 13 -3.76 -22.65 4.50
CA SER C 13 -2.37 -23.09 4.59
C SER C 13 -1.39 -21.93 4.41
N LEU C 14 -1.68 -21.07 3.43
CA LEU C 14 -0.79 -19.99 3.05
C LEU C 14 -0.66 -18.85 4.07
N THR C 15 -1.71 -18.62 4.86
CA THR C 15 -1.79 -17.43 5.72
C THR C 15 -0.70 -17.29 6.78
N GLY C 16 0.48 -17.85 6.52
CA GLY C 16 1.63 -17.69 7.39
C GLY C 16 2.80 -17.17 6.58
N TYR C 17 2.64 -17.17 5.26
CA TYR C 17 3.67 -16.69 4.36
C TYR C 17 3.19 -15.44 3.64
N LEU C 18 2.10 -14.86 4.12
CA LEU C 18 1.51 -13.68 3.49
C LEU C 18 1.38 -12.51 4.45
N SER C 19 1.22 -11.32 3.89
CA SER C 19 0.87 -10.15 4.67
C SER C 19 -0.66 -10.06 4.75
N HIS C 20 -1.16 -9.72 5.93
CA HIS C 20 -2.60 -9.55 6.11
C HIS C 20 -2.87 -8.12 6.53
N ALA C 21 -1.91 -7.24 6.25
CA ALA C 21 -2.04 -5.82 6.54
C ALA C 21 -3.08 -5.22 5.61
N ILE C 22 -3.60 -4.06 5.98
CA ILE C 22 -4.65 -3.39 5.21
C ILE C 22 -4.54 -1.88 5.37
N TYR C 23 -4.23 -1.43 6.59
CA TYR C 23 -4.04 -0.03 6.87
C TYR C 23 -2.55 0.31 6.91
N SER C 24 -1.74 -0.53 6.26
CA SER C 24 -0.29 -0.37 6.26
C SER C 24 0.22 0.19 4.93
N ASN C 25 1.24 1.05 5.00
CA ASN C 25 1.86 1.60 3.81
C ASN C 25 3.24 1.02 3.57
N LYS C 26 3.46 -0.20 4.02
CA LYS C 26 4.73 -0.89 3.82
C LYS C 26 4.93 -1.22 2.34
N THR C 27 6.16 -1.59 1.98
CA THR C 27 6.49 -1.96 0.60
C THR C 27 7.08 -3.37 0.53
N PHE C 28 6.77 -4.07 -0.56
CA PHE C 28 7.12 -5.48 -0.69
C PHE C 28 7.70 -5.85 -2.05
N PRO C 29 8.58 -6.86 -2.08
CA PRO C 29 9.20 -7.33 -3.32
C PRO C 29 8.49 -8.56 -3.91
N ALA C 30 7.50 -9.10 -3.21
CA ALA C 30 6.80 -10.29 -3.69
C ALA C 30 5.29 -10.20 -3.51
N PHE C 31 4.54 -10.66 -4.50
CA PHE C 31 3.08 -10.57 -4.44
C PHE C 31 2.39 -11.82 -5.00
N LEU C 32 1.22 -12.14 -4.45
CA LEU C 32 0.45 -13.29 -4.90
C LEU C 32 -1.00 -12.87 -5.17
N VAL C 33 -1.48 -13.11 -6.39
CA VAL C 33 -2.84 -12.73 -6.77
C VAL C 33 -3.72 -13.94 -7.07
N TYR C 34 -4.91 -13.95 -6.48
CA TYR C 34 -5.83 -15.07 -6.60
C TYR C 34 -7.04 -14.69 -7.45
N SER C 35 -7.15 -15.28 -8.65
CA SER C 35 -8.28 -15.02 -9.53
C SER C 35 -8.60 -16.23 -10.41
N THR C 36 -9.47 -16.03 -11.41
CA THR C 36 -9.86 -17.11 -12.30
C THR C 36 -8.72 -17.51 -13.24
N LYS C 37 -8.94 -18.57 -14.02
CA LYS C 37 -7.94 -19.06 -14.96
C LYS C 37 -7.66 -18.00 -16.03
N GLU C 38 -8.73 -17.46 -16.60
CA GLU C 38 -8.63 -16.51 -17.70
C GLU C 38 -7.83 -15.28 -17.31
N LYS C 39 -8.20 -14.67 -16.20
CA LYS C 39 -7.56 -13.44 -15.75
C LYS C 39 -6.10 -13.66 -15.35
N CYS C 40 -5.81 -14.83 -14.78
CA CYS C 40 -4.45 -15.15 -14.35
C CYS C 40 -3.50 -15.28 -15.53
N LYS C 41 -3.95 -15.98 -16.58
CA LYS C 41 -3.17 -16.08 -17.81
C LYS C 41 -3.09 -14.71 -18.48
N GLN C 42 -4.16 -13.94 -18.37
CA GLN C 42 -4.20 -12.58 -18.90
C GLN C 42 -3.18 -11.70 -18.20
N LEU C 43 -2.97 -11.94 -16.91
CA LEU C 43 -2.00 -11.16 -16.13
C LEU C 43 -0.56 -11.59 -16.36
N TYR C 44 -0.36 -12.90 -16.51
CA TYR C 44 0.99 -13.48 -16.63
C TYR C 44 1.76 -12.91 -17.83
N ASP C 45 1.04 -12.36 -18.80
CA ASP C 45 1.67 -11.75 -19.96
C ASP C 45 1.63 -10.23 -19.86
N THR C 46 0.90 -9.72 -18.88
CA THR C 46 0.66 -8.28 -18.74
C THR C 46 1.65 -7.57 -17.82
N ILE C 47 2.03 -8.25 -16.74
CA ILE C 47 2.80 -7.66 -15.62
C ILE C 47 4.09 -6.91 -15.97
N GLY C 48 4.47 -6.91 -17.25
CA GLY C 48 5.72 -6.32 -17.71
C GLY C 48 6.09 -4.96 -17.14
N LYS C 49 5.10 -4.17 -16.74
CA LYS C 49 5.34 -2.84 -16.21
C LYS C 49 5.73 -2.86 -14.73
N PHE C 50 5.98 -4.07 -14.21
CA PHE C 50 6.51 -4.25 -12.87
C PHE C 50 7.94 -4.78 -12.96
N ARG C 51 8.27 -5.35 -14.12
CA ARG C 51 9.57 -5.94 -14.39
C ARG C 51 9.89 -7.03 -13.36
N PRO C 52 9.19 -8.16 -13.43
CA PRO C 52 9.37 -9.22 -12.44
C PRO C 52 10.68 -10.00 -12.63
N GLU C 53 11.36 -10.29 -11.53
CA GLU C 53 12.58 -11.10 -11.59
C GLU C 53 12.20 -12.54 -11.89
N PHE C 54 10.97 -12.89 -11.52
CA PHE C 54 10.46 -14.26 -11.63
C PHE C 54 8.94 -14.25 -11.50
N LYS C 55 8.28 -15.17 -12.20
CA LYS C 55 6.82 -15.25 -12.15
C LYS C 55 6.35 -16.65 -12.52
N CYS C 56 5.29 -17.12 -11.86
CA CYS C 56 4.74 -18.44 -12.16
C CYS C 56 3.21 -18.45 -12.12
N LEU C 57 2.62 -19.37 -12.86
CA LEU C 57 1.17 -19.49 -12.93
C LEU C 57 0.70 -20.88 -12.47
N VAL C 58 0.00 -20.89 -11.34
CA VAL C 58 -0.49 -22.16 -10.77
C VAL C 58 -2.01 -22.24 -10.74
N HIS C 59 -2.53 -23.46 -10.70
CA HIS C 59 -3.98 -23.68 -10.63
C HIS C 59 -4.44 -24.00 -9.21
N TYR C 60 -5.70 -23.72 -8.92
CA TYR C 60 -6.28 -24.01 -7.61
C TYR C 60 -7.81 -24.00 -7.65
N GLU C 61 -8.40 -25.10 -8.11
CA GLU C 61 -9.85 -25.31 -8.05
C GLU C 61 -10.67 -24.25 -8.79
N GLU C 62 -10.91 -24.49 -10.08
CA GLU C 62 -11.73 -23.60 -10.91
C GLU C 62 -11.28 -22.15 -10.82
N GLY C 63 -9.97 -21.96 -10.69
CA GLY C 63 -9.38 -20.65 -10.50
C GLY C 63 -7.89 -20.84 -10.27
N GLY C 64 -7.10 -19.83 -10.64
CA GLY C 64 -5.66 -19.94 -10.52
C GLY C 64 -5.03 -18.90 -9.64
N MET C 65 -3.70 -18.92 -9.55
CA MET C 65 -2.95 -17.93 -8.80
C MET C 65 -1.71 -17.53 -9.59
N LEU C 66 -1.26 -16.30 -9.36
CA LEU C 66 -0.03 -15.83 -9.98
C LEU C 66 0.94 -15.38 -8.90
N PHE C 67 2.15 -15.95 -8.93
CA PHE C 67 3.18 -15.63 -7.95
C PHE C 67 4.40 -15.03 -8.63
N PHE C 68 4.73 -13.81 -8.24
CA PHE C 68 5.80 -13.07 -8.92
C PHE C 68 6.59 -12.13 -8.00
N LEU C 69 7.92 -12.22 -8.07
CA LEU C 69 8.78 -11.31 -7.35
C LEU C 69 9.02 -10.09 -8.22
N THR C 70 9.29 -8.95 -7.60
CA THR C 70 9.51 -7.73 -8.38
C THR C 70 10.94 -7.23 -8.23
N MET C 71 11.37 -6.44 -9.21
CA MET C 71 12.68 -5.82 -9.14
C MET C 71 12.65 -4.73 -8.08
N THR C 72 12.01 -3.60 -8.43
CA THR C 72 11.76 -2.56 -7.45
C THR C 72 10.67 -3.00 -6.49
N LYS C 73 10.78 -2.62 -5.23
CA LYS C 73 9.75 -2.93 -4.25
C LYS C 73 8.50 -2.10 -4.50
N HIS C 74 7.36 -2.60 -4.03
CA HIS C 74 6.09 -1.91 -4.21
C HIS C 74 5.21 -2.04 -2.97
N ARG C 75 4.35 -1.06 -2.72
CA ARG C 75 3.37 -1.17 -1.65
C ARG C 75 2.22 -2.04 -2.14
N VAL C 76 1.53 -2.68 -1.19
CA VAL C 76 0.58 -3.74 -1.52
C VAL C 76 -0.60 -3.28 -2.37
N SER C 77 -1.03 -2.04 -2.17
CA SER C 77 -2.21 -1.52 -2.87
C SER C 77 -1.90 -1.21 -4.32
N ALA C 78 -0.74 -0.61 -4.58
CA ALA C 78 -0.40 -0.14 -5.93
C ALA C 78 -0.34 -1.29 -6.93
N VAL C 79 0.01 -2.48 -6.46
CA VAL C 79 0.01 -3.67 -7.30
C VAL C 79 -1.43 -4.09 -7.60
N LYS C 80 -2.27 -4.07 -6.57
CA LYS C 80 -3.68 -4.43 -6.68
C LYS C 80 -4.40 -3.46 -7.61
N ASN C 81 -4.05 -2.17 -7.50
CA ASN C 81 -4.68 -1.14 -8.30
C ASN C 81 -4.34 -1.24 -9.78
N TYR C 82 -3.14 -1.73 -10.07
CA TYR C 82 -2.70 -1.95 -11.44
C TYR C 82 -3.45 -3.12 -12.06
N CYS C 83 -3.32 -4.29 -11.42
CA CYS C 83 -3.88 -5.53 -11.95
C CYS C 83 -5.40 -5.46 -12.08
N SER C 84 -6.04 -4.68 -11.21
CA SER C 84 -7.48 -4.50 -11.28
C SER C 84 -7.87 -3.72 -12.53
N LYS C 85 -6.91 -3.00 -13.11
CA LYS C 85 -7.14 -2.25 -14.33
C LYS C 85 -6.73 -3.02 -15.58
N LEU C 86 -7.09 -4.29 -15.60
CA LEU C 86 -6.94 -5.12 -16.80
C LEU C 86 -8.34 -5.64 -17.18
N CYS C 87 -8.75 -6.71 -16.52
CA CYS C 87 -10.15 -7.12 -16.57
C CYS C 87 -10.93 -6.11 -15.74
N SER C 88 -11.23 -6.53 -14.50
CA SER C 88 -11.78 -5.70 -13.44
C SER C 88 -11.96 -6.54 -12.16
N VAL C 89 -12.79 -7.60 -12.09
CA VAL C 89 -13.96 -7.96 -12.93
C VAL C 89 -14.68 -9.13 -12.24
N SER C 90 -13.90 -9.93 -11.52
CA SER C 90 -14.35 -11.10 -10.78
C SER C 90 -13.62 -11.03 -9.44
N PHE C 91 -13.29 -12.15 -8.81
CA PHE C 91 -12.55 -12.07 -7.54
C PHE C 91 -11.05 -11.79 -7.77
N LEU C 92 -10.65 -10.56 -7.47
CA LEU C 92 -9.35 -10.01 -7.87
C LEU C 92 -8.35 -9.82 -6.72
N MET C 93 -8.51 -10.59 -5.65
CA MET C 93 -7.74 -10.34 -4.42
C MET C 93 -6.26 -10.70 -4.50
N CYS C 94 -5.42 -9.83 -3.94
CA CYS C 94 -3.98 -10.09 -3.85
C CYS C 94 -3.35 -9.50 -2.59
N LYS C 95 -2.71 -10.34 -1.80
CA LYS C 95 -1.94 -9.89 -0.64
C LYS C 95 -0.46 -9.95 -1.00
N ALA C 96 0.37 -9.25 -0.24
CA ALA C 96 1.81 -9.32 -0.43
C ALA C 96 2.33 -10.63 0.14
N VAL C 97 3.57 -10.98 -0.17
CA VAL C 97 4.16 -12.22 0.33
C VAL C 97 5.34 -11.95 1.28
N THR C 98 5.15 -12.29 2.55
CA THR C 98 6.17 -12.03 3.57
C THR C 98 7.19 -13.16 3.67
N LYS C 99 6.87 -14.29 3.05
CA LYS C 99 7.77 -15.45 3.06
C LYS C 99 7.76 -16.13 1.70
N PRO C 100 8.44 -15.54 0.70
CA PRO C 100 8.44 -15.97 -0.71
C PRO C 100 8.72 -17.46 -0.95
N MET C 101 9.94 -17.90 -0.65
CA MET C 101 10.36 -19.27 -0.95
C MET C 101 9.44 -20.31 -0.34
N GLU C 102 9.14 -20.16 0.94
CA GLU C 102 8.26 -21.08 1.65
C GLU C 102 6.86 -21.07 1.03
N CYS C 103 6.40 -19.88 0.66
CA CYS C 103 5.11 -19.71 0.01
C CYS C 103 5.12 -20.38 -1.36
N TYR C 104 6.25 -20.30 -2.05
CA TYR C 104 6.40 -20.91 -3.37
C TYR C 104 6.28 -22.43 -3.30
N GLN C 105 6.71 -22.99 -2.18
CA GLN C 105 6.77 -24.44 -2.04
C GLN C 105 5.42 -25.07 -1.74
N VAL C 106 4.47 -24.27 -1.29
CA VAL C 106 3.12 -24.76 -1.05
C VAL C 106 2.26 -24.61 -2.31
N VAL C 107 2.42 -23.50 -3.01
CA VAL C 107 1.66 -23.24 -4.23
C VAL C 107 2.19 -24.00 -5.45
N THR C 108 3.17 -24.86 -5.23
CA THR C 108 3.64 -25.77 -6.28
C THR C 108 3.16 -27.18 -6.01
N ALA C 109 2.97 -27.51 -4.74
CA ALA C 109 2.57 -28.85 -4.32
C ALA C 109 1.04 -29.01 -4.31
N ALA C 110 0.58 -30.09 -3.70
CA ALA C 110 -0.86 -30.40 -3.67
C ALA C 110 -1.65 -29.42 -2.82
N PRO C 111 -2.87 -29.06 -3.28
CA PRO C 111 -3.41 -29.47 -4.57
C PRO C 111 -3.29 -28.38 -5.63
N PHE C 112 -2.14 -27.72 -5.70
CA PHE C 112 -1.90 -26.69 -6.71
C PHE C 112 -1.31 -27.34 -7.95
N GLN C 113 -1.57 -26.75 -9.12
CA GLN C 113 -1.01 -27.28 -10.36
C GLN C 113 -0.17 -26.21 -11.06
N LEU C 114 1.14 -26.24 -10.83
CA LEU C 114 2.08 -25.32 -11.49
C LEU C 114 2.03 -25.55 -13.01
N ILE C 115 1.84 -24.48 -13.76
CA ILE C 115 1.64 -24.60 -15.20
C ILE C 115 2.82 -24.10 -16.05
N THR C 116 3.31 -22.91 -15.76
CA THR C 116 4.50 -22.35 -16.42
C THR C 116 5.26 -21.33 -15.55
N GLU C 117 6.55 -21.15 -15.84
CA GLU C 117 7.43 -20.23 -15.10
C GLU C 117 8.70 -19.86 -15.91
N ASN C 118 9.51 -18.92 -15.39
CA ASN C 118 10.84 -18.69 -15.90
C ASN C 118 11.82 -18.64 -14.79
N LYS C 119 12.92 -19.36 -14.98
CA LYS C 119 13.91 -19.64 -13.96
C LYS C 119 13.19 -20.29 -12.73
N PRO C 120 13.22 -21.63 -12.64
CA PRO C 120 12.39 -22.61 -11.93
C PRO C 120 12.99 -22.96 -10.57
N GLY C 121 12.69 -22.11 -9.61
CA GLY C 121 12.86 -22.45 -8.21
C GLY C 121 14.27 -22.58 -7.66
N LEU C 122 15.24 -21.83 -8.20
CA LEU C 122 16.48 -21.47 -7.46
C LEU C 122 16.17 -20.66 -6.20
N SER D 8 12.68 15.35 -37.61
CA SER D 8 13.55 16.05 -36.68
C SER D 8 12.76 16.98 -35.75
N ASP D 9 12.07 17.95 -36.34
CA ASP D 9 11.28 18.91 -35.59
C ASP D 9 9.97 19.22 -36.33
N PHE D 10 8.96 19.68 -35.60
CA PHE D 10 7.69 20.09 -36.20
C PHE D 10 7.93 21.06 -37.36
N PRO D 11 7.20 20.86 -38.47
CA PRO D 11 7.34 21.70 -39.66
C PRO D 11 7.01 23.16 -39.37
N SER D 12 7.57 24.07 -40.15
CA SER D 12 7.41 25.50 -39.91
C SER D 12 6.08 26.05 -40.40
N SER D 13 5.28 25.20 -41.03
CA SER D 13 3.95 25.61 -41.48
C SER D 13 2.93 25.46 -40.36
N LEU D 14 3.40 24.99 -39.21
CA LEU D 14 2.53 24.73 -38.06
C LEU D 14 2.91 25.58 -36.84
N THR D 15 4.00 26.32 -36.95
CA THR D 15 4.54 27.05 -35.80
C THR D 15 3.68 28.25 -35.36
N GLY D 16 2.55 28.44 -36.01
CA GLY D 16 1.64 29.51 -35.66
C GLY D 16 0.30 28.99 -35.18
N TYR D 17 0.22 27.68 -34.99
CA TYR D 17 -1.02 27.03 -34.56
C TYR D 17 -0.81 26.22 -33.29
N LEU D 18 0.44 25.89 -32.99
CA LEU D 18 0.76 25.04 -31.85
C LEU D 18 1.34 25.85 -30.70
N SER D 19 1.13 25.35 -29.48
CA SER D 19 1.71 25.98 -28.29
C SER D 19 3.13 25.47 -28.07
N HIS D 20 4.07 26.40 -28.10
CA HIS D 20 5.48 26.05 -27.93
C HIS D 20 5.92 26.29 -26.49
N ALA D 21 5.02 26.03 -25.56
CA ALA D 21 5.33 26.17 -24.14
C ALA D 21 6.26 25.05 -23.68
N ILE D 22 6.74 25.17 -22.45
CA ILE D 22 7.68 24.20 -21.90
C ILE D 22 7.68 24.30 -20.37
N TYR D 23 7.25 25.44 -19.86
CA TYR D 23 7.12 25.63 -18.41
C TYR D 23 5.66 25.89 -18.00
N SER D 24 4.76 25.84 -18.97
CA SER D 24 3.35 26.10 -18.73
C SER D 24 2.64 24.87 -18.15
N ASN D 25 1.86 25.09 -17.10
CA ASN D 25 1.05 24.02 -16.52
C ASN D 25 -0.39 24.09 -17.00
N LYS D 26 -0.61 24.87 -18.04
CA LYS D 26 -1.95 25.05 -18.60
C LYS D 26 -2.46 23.75 -19.21
N THR D 27 -3.77 23.68 -19.44
CA THR D 27 -4.40 22.51 -20.06
C THR D 27 -4.94 22.82 -21.44
N PHE D 28 -5.10 21.77 -22.25
CA PHE D 28 -5.53 21.92 -23.64
C PHE D 28 -6.49 20.81 -24.07
N PRO D 29 -7.44 21.15 -24.95
CA PRO D 29 -8.38 20.17 -25.50
C PRO D 29 -7.95 19.64 -26.87
N ALA D 30 -6.77 20.03 -27.35
CA ALA D 30 -6.30 19.59 -28.66
C ALA D 30 -4.81 19.25 -28.65
N PHE D 31 -4.42 18.22 -29.38
CA PHE D 31 -3.03 17.78 -29.39
C PHE D 31 -2.56 17.26 -30.75
N LEU D 32 -1.25 17.34 -30.96
CA LEU D 32 -0.62 16.84 -32.20
C LEU D 32 0.64 16.07 -31.84
N VAL D 33 0.71 14.81 -32.26
CA VAL D 33 1.87 13.97 -31.97
C VAL D 33 2.65 13.64 -33.24
N TYR D 34 3.97 13.79 -33.19
CA TYR D 34 4.83 13.67 -34.37
C TYR D 34 5.82 12.53 -34.21
N SER D 35 5.44 11.33 -34.68
CA SER D 35 6.26 10.14 -34.53
C SER D 35 6.56 9.43 -35.85
N THR D 36 6.43 8.11 -35.84
CA THR D 36 6.64 7.30 -37.03
C THR D 36 5.30 6.88 -37.64
N LYS D 37 5.35 6.29 -38.84
CA LYS D 37 4.13 5.89 -39.54
C LYS D 37 3.36 4.80 -38.80
N GLU D 38 4.09 3.94 -38.10
CA GLU D 38 3.49 2.82 -37.39
C GLU D 38 3.22 3.15 -35.93
N LYS D 39 4.14 3.89 -35.31
CA LYS D 39 3.98 4.26 -33.90
C LYS D 39 2.86 5.27 -33.68
N CYS D 40 2.34 5.82 -34.77
CA CYS D 40 1.16 6.68 -34.71
C CYS D 40 -0.10 5.85 -34.81
N LYS D 41 -0.12 4.92 -35.77
CA LYS D 41 -1.21 3.96 -35.91
C LYS D 41 -1.37 3.14 -34.64
N GLN D 42 -0.25 2.81 -34.01
CA GLN D 42 -0.24 2.05 -32.77
C GLN D 42 -0.94 2.81 -31.64
N LEU D 43 -0.69 4.12 -31.57
CA LEU D 43 -1.26 4.94 -30.50
C LEU D 43 -2.50 5.71 -30.94
N TYR D 44 -2.90 5.50 -32.18
CA TYR D 44 -4.17 6.02 -32.68
C TYR D 44 -5.30 5.17 -32.14
N ASP D 45 -5.02 3.88 -31.97
CA ASP D 45 -6.03 2.92 -31.52
C ASP D 45 -5.99 2.71 -30.01
N THR D 46 -5.23 3.55 -29.31
CA THR D 46 -5.06 3.35 -27.86
C THR D 46 -5.32 4.59 -27.00
N ILE D 47 -5.46 5.75 -27.63
CA ILE D 47 -5.65 6.99 -26.87
C ILE D 47 -7.09 7.18 -26.39
N GLY D 48 -7.75 6.09 -26.00
CA GLY D 48 -9.13 6.14 -25.55
C GLY D 48 -9.29 6.76 -24.19
N LYS D 49 -8.27 6.60 -23.34
CA LYS D 49 -8.29 7.09 -21.97
C LYS D 49 -8.24 8.62 -21.88
N PHE D 50 -8.23 9.27 -23.03
CA PHE D 50 -8.31 10.73 -23.09
C PHE D 50 -9.66 11.14 -23.66
N ARG D 51 -10.41 10.15 -24.12
CA ARG D 51 -11.74 10.36 -24.70
C ARG D 51 -11.73 11.35 -25.86
N PRO D 52 -11.27 10.91 -27.03
CA PRO D 52 -11.22 11.79 -28.21
C PRO D 52 -12.57 11.88 -28.91
N GLU D 53 -13.11 13.09 -29.03
CA GLU D 53 -14.35 13.29 -29.77
C GLU D 53 -14.04 13.36 -31.26
N PHE D 54 -12.74 13.46 -31.57
CA PHE D 54 -12.26 13.45 -32.94
C PHE D 54 -10.75 13.19 -32.97
N LYS D 55 -10.34 12.20 -33.74
CA LYS D 55 -8.93 11.87 -33.91
C LYS D 55 -8.61 11.65 -35.38
N CYS D 56 -7.37 11.91 -35.78
CA CYS D 56 -7.00 11.83 -37.19
C CYS D 56 -5.57 11.34 -37.42
N LEU D 57 -5.44 10.32 -38.26
CA LEU D 57 -4.13 9.77 -38.57
C LEU D 57 -3.64 10.24 -39.94
N VAL D 58 -2.44 10.81 -39.98
CA VAL D 58 -1.90 11.38 -41.21
C VAL D 58 -0.43 11.05 -41.41
N HIS D 59 -0.03 10.87 -42.66
CA HIS D 59 1.37 10.65 -43.02
C HIS D 59 1.98 11.94 -43.54
N TYR D 60 3.31 11.97 -43.63
CA TYR D 60 4.00 13.23 -43.89
C TYR D 60 5.43 13.07 -44.43
N GLU D 61 6.26 12.28 -43.75
CA GLU D 61 7.65 12.08 -44.15
C GLU D 61 8.30 11.01 -43.28
N GLU D 62 8.52 9.82 -43.83
CA GLU D 62 9.17 8.72 -43.10
C GLU D 62 8.38 8.26 -41.86
N GLY D 63 7.65 9.20 -41.26
CA GLY D 63 6.70 8.89 -40.20
C GLY D 63 5.43 9.70 -40.39
N GLY D 64 4.45 9.48 -39.50
CA GLY D 64 3.20 10.20 -39.57
C GLY D 64 2.92 11.02 -38.33
N MET D 65 1.76 11.67 -38.32
CA MET D 65 1.34 12.47 -37.17
C MET D 65 -0.06 12.09 -36.70
N LEU D 66 -0.34 12.32 -35.42
CA LEU D 66 -1.68 12.08 -34.87
C LEU D 66 -2.30 13.37 -34.36
N PHE D 67 -3.46 13.71 -34.90
CA PHE D 67 -4.17 14.91 -34.50
C PHE D 67 -5.50 14.55 -33.86
N PHE D 68 -5.74 15.04 -32.65
CA PHE D 68 -7.00 14.74 -31.97
C PHE D 68 -7.45 15.83 -31.00
N LEU D 69 -8.76 15.86 -30.75
CA LEU D 69 -9.34 16.75 -29.75
C LEU D 69 -10.02 15.93 -28.66
N THR D 70 -9.89 16.39 -27.41
CA THR D 70 -10.44 15.66 -26.28
C THR D 70 -11.72 16.30 -25.71
N MET D 71 -12.56 15.49 -25.07
CA MET D 71 -13.77 16.00 -24.43
C MET D 71 -13.44 16.83 -23.19
N THR D 72 -12.28 16.55 -22.60
CA THR D 72 -11.81 17.29 -21.43
C THR D 72 -10.40 17.81 -21.64
N LYS D 73 -10.09 18.96 -21.04
CA LYS D 73 -8.77 19.57 -21.18
C LYS D 73 -7.70 18.67 -20.54
N HIS D 74 -6.49 18.72 -21.10
CA HIS D 74 -5.38 17.93 -20.58
C HIS D 74 -4.07 18.72 -20.65
N ARG D 75 -3.16 18.43 -19.73
CA ARG D 75 -1.85 19.06 -19.74
C ARG D 75 -1.08 18.48 -20.91
N VAL D 76 -0.20 19.29 -21.49
CA VAL D 76 0.56 18.86 -22.65
C VAL D 76 1.55 17.76 -22.26
N SER D 77 2.08 17.84 -21.05
CA SER D 77 3.05 16.86 -20.57
C SER D 77 2.40 15.48 -20.44
N ALA D 78 1.23 15.46 -19.83
CA ALA D 78 0.56 14.21 -19.45
C ALA D 78 0.15 13.34 -20.64
N VAL D 79 0.18 13.89 -21.84
CA VAL D 79 -0.09 13.08 -23.03
C VAL D 79 1.23 12.59 -23.65
N LYS D 80 2.27 13.41 -23.57
CA LYS D 80 3.60 12.99 -23.97
C LYS D 80 4.17 12.01 -22.93
N ASN D 81 3.91 12.30 -21.65
CA ASN D 81 4.33 11.43 -20.56
C ASN D 81 3.67 10.07 -20.65
N TYR D 82 2.53 10.03 -21.33
CA TYR D 82 1.73 8.81 -21.46
C TYR D 82 2.14 7.98 -22.68
N CYS D 83 2.32 8.64 -23.80
CA CYS D 83 2.59 7.95 -25.07
C CYS D 83 3.97 7.31 -25.12
N SER D 84 4.90 7.83 -24.33
CA SER D 84 6.28 7.34 -24.34
C SER D 84 6.46 6.07 -23.50
N LYS D 85 5.35 5.53 -23.01
CA LYS D 85 5.36 4.33 -22.18
C LYS D 85 4.95 3.10 -22.99
N LEU D 86 3.80 3.21 -23.66
CA LEU D 86 3.28 2.15 -24.51
C LEU D 86 4.13 1.98 -25.77
N CYS D 87 4.80 3.05 -26.16
CA CYS D 87 5.70 3.03 -27.31
C CYS D 87 7.12 2.69 -26.85
N SER D 88 8.05 2.57 -27.81
CA SER D 88 9.43 2.17 -27.47
C SER D 88 10.44 3.27 -27.12
N VAL D 89 10.66 4.28 -27.98
CA VAL D 89 10.06 4.45 -29.30
C VAL D 89 11.19 4.59 -30.32
N SER D 90 10.94 5.39 -31.36
CA SER D 90 11.99 5.95 -32.17
C SER D 90 12.17 7.37 -31.67
N PHE D 91 11.49 8.32 -32.32
CA PHE D 91 11.37 9.67 -31.79
C PHE D 91 9.88 10.02 -31.67
N LEU D 92 9.56 10.93 -30.77
CA LEU D 92 8.18 11.31 -30.51
C LEU D 92 8.06 12.74 -30.00
N MET D 93 7.48 13.61 -30.82
CA MET D 93 7.28 15.00 -30.44
C MET D 93 5.79 15.27 -30.26
N CYS D 94 5.46 16.10 -29.28
CA CYS D 94 4.05 16.37 -28.99
C CYS D 94 3.83 17.78 -28.44
N LYS D 95 3.19 18.63 -29.24
CA LYS D 95 2.81 19.96 -28.80
C LYS D 95 1.29 20.07 -28.77
N ALA D 96 0.78 20.91 -27.88
CA ALA D 96 -0.65 21.18 -27.83
C ALA D 96 -1.04 22.04 -29.01
N VAL D 97 -2.31 21.96 -29.41
CA VAL D 97 -2.79 22.73 -30.56
C VAL D 97 -3.65 23.91 -30.11
N THR D 98 -3.19 25.12 -30.43
CA THR D 98 -3.88 26.34 -30.02
C THR D 98 -5.05 26.65 -30.93
N LYS D 99 -4.75 26.88 -32.21
CA LYS D 99 -5.78 27.09 -33.22
C LYS D 99 -5.94 25.81 -34.04
N PRO D 100 -6.94 24.98 -33.68
CA PRO D 100 -7.10 23.62 -34.22
C PRO D 100 -7.86 23.55 -35.55
N MET D 101 -8.68 24.56 -35.84
CA MET D 101 -9.41 24.62 -37.10
C MET D 101 -8.43 24.70 -38.26
N GLU D 102 -7.48 25.63 -38.17
CA GLU D 102 -6.47 25.79 -39.21
C GLU D 102 -5.45 24.66 -39.19
N CYS D 103 -5.17 24.16 -37.98
CA CYS D 103 -4.20 23.09 -37.81
C CYS D 103 -4.65 21.81 -38.51
N TYR D 104 -5.96 21.59 -38.60
CA TYR D 104 -6.49 20.45 -39.34
C TYR D 104 -6.37 20.73 -40.82
N GLN D 105 -6.60 21.98 -41.19
CA GLN D 105 -6.65 22.42 -42.57
C GLN D 105 -5.32 22.20 -43.30
N VAL D 106 -4.21 22.46 -42.62
CA VAL D 106 -2.88 22.28 -43.19
C VAL D 106 -2.47 20.80 -43.22
N VAL D 107 -2.83 20.07 -42.17
CA VAL D 107 -2.40 18.69 -41.98
C VAL D 107 -3.33 17.71 -42.69
N THR D 108 -4.46 18.21 -43.19
CA THR D 108 -5.34 17.37 -44.00
C THR D 108 -4.97 17.52 -45.48
N ALA D 109 -4.19 18.55 -45.79
CA ALA D 109 -3.82 18.83 -47.17
C ALA D 109 -2.32 18.65 -47.40
N ALA D 110 -1.92 18.62 -48.68
CA ALA D 110 -0.54 18.37 -49.07
C ALA D 110 0.42 19.38 -48.42
N PRO D 111 1.65 18.94 -48.09
CA PRO D 111 2.17 17.59 -48.30
C PRO D 111 1.87 16.64 -47.15
N PHE D 112 0.58 16.47 -46.84
CA PHE D 112 0.15 15.53 -45.82
C PHE D 112 -0.83 14.53 -46.43
N GLN D 113 -0.61 13.25 -46.17
CA GLN D 113 -1.55 12.22 -46.58
C GLN D 113 -2.47 11.91 -45.41
N LEU D 114 -3.78 12.02 -45.63
CA LEU D 114 -4.75 11.67 -44.61
C LEU D 114 -5.10 10.19 -44.71
N ILE D 115 -4.93 9.45 -43.61
CA ILE D 115 -5.14 8.01 -43.64
C ILE D 115 -6.50 7.60 -43.07
N THR D 116 -6.74 7.90 -41.80
CA THR D 116 -8.06 7.63 -41.19
C THR D 116 -8.54 8.79 -40.32
N GLU D 117 -9.83 8.75 -40.00
CA GLU D 117 -10.46 9.68 -39.07
C GLU D 117 -11.89 9.21 -38.84
N ASN D 118 -12.46 9.54 -37.67
CA ASN D 118 -13.84 9.21 -37.39
C ASN D 118 -14.82 10.21 -38.01
N LYS D 119 -14.93 11.40 -37.43
CA LYS D 119 -15.70 12.46 -38.02
C LYS D 119 -14.95 13.03 -39.22
N PRO D 120 -15.67 13.34 -40.31
CA PRO D 120 -15.05 14.02 -41.44
C PRO D 120 -15.00 15.54 -41.18
N GLY D 121 -14.01 16.22 -41.76
CA GLY D 121 -13.83 17.64 -41.54
C GLY D 121 -15.04 18.47 -41.93
N SER E 8 7.59 11.39 43.81
CA SER E 8 8.57 10.58 44.52
C SER E 8 9.17 9.51 43.61
N ASP E 9 9.37 8.32 44.19
CA ASP E 9 9.83 7.16 43.45
C ASP E 9 9.30 5.92 44.18
N PHE E 10 9.43 4.75 43.57
CA PHE E 10 8.96 3.52 44.20
C PHE E 10 9.60 3.29 45.57
N PRO E 11 8.80 2.85 46.55
CA PRO E 11 9.26 2.61 47.92
C PRO E 11 10.38 1.57 47.92
N SER E 12 11.36 1.77 48.80
CA SER E 12 12.54 0.90 48.86
C SER E 12 12.20 -0.50 49.36
N SER E 13 10.95 -0.70 49.77
CA SER E 13 10.49 -1.98 50.28
C SER E 13 10.52 -3.08 49.22
N LEU E 14 9.78 -2.84 48.13
CA LEU E 14 9.56 -3.87 47.12
C LEU E 14 10.57 -3.87 45.97
N THR E 15 11.69 -3.19 46.17
CA THR E 15 12.71 -3.08 45.11
C THR E 15 13.40 -4.42 44.82
N GLY E 16 13.04 -5.45 45.57
CA GLY E 16 13.58 -6.78 45.35
C GLY E 16 12.62 -7.67 44.58
N TYR E 17 11.44 -7.15 44.29
CA TYR E 17 10.44 -7.92 43.54
C TYR E 17 9.90 -7.15 42.33
N LEU E 18 10.52 -6.03 42.00
CA LEU E 18 10.15 -5.29 40.79
C LEU E 18 11.16 -5.50 39.66
N SER E 19 10.91 -4.83 38.54
CA SER E 19 11.81 -4.91 37.39
C SER E 19 12.30 -3.51 37.02
N HIS E 20 13.61 -3.31 37.13
CA HIS E 20 14.21 -1.99 36.93
C HIS E 20 14.94 -1.89 35.60
N ALA E 21 14.53 -2.69 34.63
CA ALA E 21 15.11 -2.63 33.29
C ALA E 21 14.66 -1.36 32.59
N ILE E 22 15.55 -0.78 31.79
CA ILE E 22 15.28 0.47 31.10
C ILE E 22 15.53 0.39 29.60
N TYR E 23 16.09 -0.74 29.16
CA TYR E 23 16.41 -0.92 27.74
C TYR E 23 16.09 -2.33 27.27
N SER E 24 14.98 -2.87 27.76
CA SER E 24 14.62 -4.25 27.44
C SER E 24 13.30 -4.38 26.67
N ASN E 25 13.33 -5.16 25.61
CA ASN E 25 12.13 -5.47 24.83
C ASN E 25 11.56 -6.81 25.26
N LYS E 26 11.38 -6.97 26.57
CA LYS E 26 10.88 -8.23 27.11
C LYS E 26 9.48 -8.07 27.71
N THR E 27 8.68 -9.11 27.60
CA THR E 27 7.28 -9.06 28.01
C THR E 27 7.03 -9.65 29.40
N PHE E 28 6.01 -9.13 30.08
CA PHE E 28 5.69 -9.55 31.44
C PHE E 28 4.20 -9.78 31.62
N PRO E 29 3.83 -10.61 32.61
CA PRO E 29 2.42 -10.90 32.89
C PRO E 29 1.85 -10.20 34.13
N ALA E 30 2.64 -9.36 34.79
CA ALA E 30 2.20 -8.69 36.00
C ALA E 30 2.89 -7.33 36.20
N PHE E 31 2.11 -6.31 36.50
CA PHE E 31 2.65 -4.96 36.63
C PHE E 31 2.15 -4.24 37.89
N LEU E 32 2.76 -3.10 38.19
CA LEU E 32 2.42 -2.33 39.38
C LEU E 32 2.52 -0.83 39.09
N VAL E 33 1.39 -0.16 38.92
CA VAL E 33 1.38 1.27 38.63
C VAL E 33 1.53 2.11 39.90
N TYR E 34 1.85 3.39 39.74
CA TYR E 34 2.02 4.30 40.87
C TYR E 34 1.64 5.71 40.45
N SER E 35 0.50 6.19 40.93
CA SER E 35 0.03 7.52 40.57
C SER E 35 -0.90 8.09 41.64
N THR E 36 -1.73 9.06 41.24
CA THR E 36 -2.66 9.67 42.17
C THR E 36 -3.80 8.72 42.50
N LYS E 37 -4.36 8.89 43.70
CA LYS E 37 -5.35 7.98 44.26
C LYS E 37 -6.61 7.85 43.41
N GLU E 38 -7.01 8.95 42.77
CA GLU E 38 -8.23 8.96 41.97
C GLU E 38 -7.95 8.47 40.55
N LYS E 39 -6.72 8.68 40.09
CA LYS E 39 -6.30 8.20 38.78
C LYS E 39 -6.37 6.68 38.69
N CYS E 40 -5.98 6.03 39.78
CA CYS E 40 -5.94 4.57 39.82
C CYS E 40 -7.33 3.92 39.78
N LYS E 41 -8.33 4.59 40.35
CA LYS E 41 -9.70 4.10 40.26
C LYS E 41 -10.23 4.38 38.86
N GLN E 42 -9.74 5.49 38.29
CA GLN E 42 -10.01 5.84 36.89
C GLN E 42 -9.13 4.98 36.00
N LEU E 43 -8.37 4.09 36.65
CA LEU E 43 -7.51 3.14 35.95
C LEU E 43 -7.90 1.72 36.28
N TYR E 44 -8.55 1.54 37.43
CA TYR E 44 -9.03 0.23 37.87
C TYR E 44 -10.04 -0.31 36.86
N ASP E 45 -10.89 0.58 36.35
CA ASP E 45 -11.97 0.15 35.46
C ASP E 45 -11.59 0.29 33.99
N THR E 46 -10.72 1.25 33.68
CA THR E 46 -10.30 1.47 32.30
C THR E 46 -9.04 0.68 31.96
N ILE E 47 -8.88 -0.48 32.60
CA ILE E 47 -7.73 -1.34 32.35
C ILE E 47 -8.20 -2.67 31.77
N GLY E 48 -9.50 -2.95 31.90
CA GLY E 48 -10.09 -4.14 31.31
C GLY E 48 -9.94 -4.15 29.80
N LYS E 49 -8.72 -4.43 29.35
CA LYS E 49 -8.42 -4.46 27.92
C LYS E 49 -7.14 -5.26 27.73
N PHE E 50 -6.31 -5.25 28.77
CA PHE E 50 -5.20 -6.19 28.90
C PHE E 50 -5.78 -7.46 29.49
N ARG E 51 -7.07 -7.41 29.78
CA ARG E 51 -7.82 -8.50 30.38
C ARG E 51 -7.12 -9.06 31.62
N PRO E 52 -7.10 -8.26 32.70
CA PRO E 52 -6.43 -8.66 33.93
C PRO E 52 -7.11 -9.85 34.59
N GLU E 53 -6.32 -10.74 35.18
CA GLU E 53 -6.83 -11.89 35.88
C GLU E 53 -6.98 -11.53 37.35
N PHE E 54 -6.27 -10.48 37.73
CA PHE E 54 -6.28 -9.99 39.10
C PHE E 54 -6.09 -8.49 39.05
N LYS E 55 -6.85 -7.75 39.85
CA LYS E 55 -6.68 -6.31 39.99
C LYS E 55 -6.66 -5.98 41.47
N CYS E 56 -5.95 -4.93 41.85
CA CYS E 56 -5.78 -4.65 43.28
C CYS E 56 -5.43 -3.20 43.59
N LEU E 57 -6.46 -2.37 43.73
CA LEU E 57 -6.28 -0.97 44.09
C LEU E 57 -5.93 -0.81 45.56
N VAL E 58 -4.87 -0.05 45.82
CA VAL E 58 -4.40 0.16 47.19
C VAL E 58 -4.01 1.62 47.41
N HIS E 59 -3.89 2.03 48.66
CA HIS E 59 -3.48 3.39 49.00
C HIS E 59 -2.09 3.45 49.59
N TYR E 60 -1.42 4.59 49.43
CA TYR E 60 -0.05 4.77 49.92
C TYR E 60 0.36 6.24 50.00
N GLU E 61 0.27 6.80 51.20
CA GLU E 61 0.74 8.16 51.49
C GLU E 61 0.28 9.22 50.49
N GLU E 62 -0.99 9.63 50.61
CA GLU E 62 -1.58 10.64 49.72
C GLU E 62 -1.59 10.22 48.25
N GLY E 63 -1.10 9.02 47.96
CA GLY E 63 -1.07 8.50 46.62
C GLY E 63 -1.61 7.09 46.57
N GLY E 64 -1.83 6.57 45.36
CA GLY E 64 -2.38 5.24 45.21
C GLY E 64 -1.65 4.40 44.19
N MET E 65 -1.63 3.09 44.40
CA MET E 65 -1.02 2.16 43.47
C MET E 65 -2.06 1.16 42.97
N LEU E 66 -1.80 0.59 41.79
CA LEU E 66 -2.64 -0.46 41.27
C LEU E 66 -1.78 -1.66 40.91
N PHE E 67 -2.11 -2.79 41.50
CA PHE E 67 -1.41 -4.04 41.23
C PHE E 67 -2.32 -4.95 40.42
N PHE E 68 -1.83 -5.47 39.31
CA PHE E 68 -2.65 -6.37 38.48
C PHE E 68 -1.86 -7.45 37.73
N LEU E 69 -2.58 -8.46 37.27
CA LEU E 69 -1.99 -9.58 36.53
C LEU E 69 -2.75 -9.83 35.23
N THR E 70 -2.05 -9.72 34.11
CA THR E 70 -2.62 -10.03 32.81
C THR E 70 -2.47 -11.51 32.49
N MET E 71 -3.32 -12.03 31.62
CA MET E 71 -3.24 -13.42 31.19
C MET E 71 -2.35 -13.55 29.95
N THR E 72 -2.28 -12.48 29.17
CA THR E 72 -1.33 -12.40 28.05
C THR E 72 -0.15 -11.51 28.47
N LYS E 73 1.05 -11.87 28.04
CA LYS E 73 2.23 -11.11 28.40
C LYS E 73 2.24 -9.75 27.71
N HIS E 74 2.94 -8.78 28.30
CA HIS E 74 2.96 -7.42 27.77
C HIS E 74 4.30 -6.72 27.97
N ARG E 75 4.60 -5.80 27.06
CA ARG E 75 5.76 -4.94 27.20
C ARG E 75 5.48 -3.93 28.31
N VAL E 76 6.50 -3.62 29.10
CA VAL E 76 6.33 -2.67 30.19
C VAL E 76 6.11 -1.26 29.63
N SER E 77 6.60 -1.03 28.42
CA SER E 77 6.39 0.25 27.75
C SER E 77 4.95 0.35 27.28
N ALA E 78 4.38 -0.79 26.91
CA ALA E 78 3.02 -0.85 26.37
C ALA E 78 1.99 -0.40 27.40
N VAL E 79 2.16 -0.84 28.64
CA VAL E 79 1.22 -0.52 29.71
C VAL E 79 1.43 0.88 30.27
N LYS E 80 2.65 1.39 30.11
CA LYS E 80 2.96 2.72 30.62
C LYS E 80 2.43 3.80 29.69
N ASN E 81 2.34 3.47 28.41
CA ASN E 81 1.75 4.37 27.44
C ASN E 81 0.25 4.55 27.71
N TYR E 82 -0.44 3.42 27.74
CA TYR E 82 -1.88 3.34 27.94
C TYR E 82 -2.39 4.29 29.04
N CYS E 83 -1.79 4.19 30.22
CA CYS E 83 -2.20 4.99 31.36
C CYS E 83 -1.99 6.48 31.12
N SER E 84 -0.82 6.84 30.63
CA SER E 84 -0.49 8.23 30.33
C SER E 84 -1.22 8.72 29.08
N LYS E 85 -2.54 8.69 29.12
CA LYS E 85 -3.38 9.14 28.03
C LYS E 85 -4.48 10.02 28.60
N LEU E 86 -5.25 9.43 29.50
CA LEU E 86 -6.33 10.11 30.20
C LEU E 86 -5.69 11.02 31.26
N CYS E 87 -4.55 10.57 31.78
CA CYS E 87 -3.70 11.38 32.65
C CYS E 87 -2.83 12.29 31.78
N SER E 88 -2.58 13.50 32.24
CA SER E 88 -1.93 14.51 31.41
C SER E 88 -1.27 15.76 32.05
N VAL E 89 -1.87 16.47 33.02
CA VAL E 89 -2.92 16.08 33.98
C VAL E 89 -2.46 14.97 34.93
N SER E 90 -1.73 15.39 35.96
CA SER E 90 -1.16 14.55 37.02
C SER E 90 0.10 13.78 36.61
N PHE E 91 0.80 13.24 37.62
CA PHE E 91 2.03 12.47 37.41
C PHE E 91 1.77 10.97 37.41
N LEU E 92 2.77 10.19 36.99
CA LEU E 92 2.62 8.74 36.90
C LEU E 92 3.96 8.04 36.71
N MET E 93 4.08 6.82 37.24
CA MET E 93 5.22 5.96 36.98
C MET E 93 4.81 4.50 37.16
N CYS E 94 5.50 3.60 36.46
CA CYS E 94 5.11 2.19 36.45
C CYS E 94 6.27 1.24 36.13
N LYS E 95 6.34 0.13 36.86
CA LYS E 95 7.34 -0.89 36.62
C LYS E 95 6.71 -2.27 36.62
N ALA E 96 7.39 -3.24 35.98
CA ALA E 96 6.88 -4.60 35.93
C ALA E 96 7.15 -5.30 37.26
N VAL E 97 6.52 -6.46 37.44
CA VAL E 97 6.69 -7.24 38.66
C VAL E 97 7.34 -8.60 38.39
N THR E 98 8.56 -8.78 38.88
CA THR E 98 9.32 -10.01 38.67
C THR E 98 9.00 -11.08 39.71
N LYS E 99 8.47 -10.66 40.86
CA LYS E 99 7.98 -11.60 41.86
C LYS E 99 6.65 -11.11 42.43
N PRO E 100 5.54 -11.55 41.82
CA PRO E 100 4.19 -11.09 42.15
C PRO E 100 3.73 -11.50 43.55
N MET E 101 4.01 -12.74 43.94
CA MET E 101 3.59 -13.24 45.25
C MET E 101 4.18 -12.41 46.38
N GLU E 102 5.49 -12.17 46.30
CA GLU E 102 6.17 -11.32 47.27
C GLU E 102 5.61 -9.90 47.25
N CYS E 103 5.45 -9.36 46.05
CA CYS E 103 5.03 -7.97 45.88
C CYS E 103 3.57 -7.72 46.30
N TYR E 104 2.80 -8.79 46.47
CA TYR E 104 1.41 -8.62 46.85
C TYR E 104 1.29 -8.21 48.32
N GLN E 105 1.88 -8.99 49.21
CA GLN E 105 1.69 -8.79 50.65
C GLN E 105 2.41 -7.56 51.22
N VAL E 106 3.39 -7.04 50.50
CA VAL E 106 4.05 -5.81 50.92
C VAL E 106 3.13 -4.62 50.64
N VAL E 107 2.23 -4.81 49.67
CA VAL E 107 1.29 -3.78 49.25
C VAL E 107 -0.11 -4.03 49.84
N THR E 108 -0.21 -5.05 50.70
CA THR E 108 -1.44 -5.26 51.45
C THR E 108 -1.19 -4.98 52.92
N ALA E 109 0.08 -4.95 53.31
CA ALA E 109 0.47 -4.63 54.67
C ALA E 109 0.78 -3.13 54.75
N ALA E 110 0.83 -2.60 55.97
CA ALA E 110 1.09 -1.18 56.20
C ALA E 110 2.45 -0.80 55.61
N PRO E 111 2.60 0.46 55.14
CA PRO E 111 1.60 1.53 55.16
C PRO E 111 0.65 1.50 53.97
N PHE E 112 0.49 0.34 53.33
CA PHE E 112 -0.48 0.20 52.25
C PHE E 112 -1.82 -0.25 52.79
N GLN E 113 -2.90 0.31 52.26
CA GLN E 113 -4.25 -0.09 52.68
C GLN E 113 -5.08 -0.55 51.49
N LEU E 114 -5.54 -1.79 51.57
CA LEU E 114 -6.30 -2.42 50.51
C LEU E 114 -7.64 -1.71 50.31
N ILE E 115 -7.70 -0.83 49.32
CA ILE E 115 -8.95 -0.16 49.01
C ILE E 115 -9.98 -1.17 48.48
N THR E 116 -9.64 -1.87 47.41
CA THR E 116 -10.49 -2.90 46.84
C THR E 116 -9.77 -3.75 45.81
N GLU E 117 -10.18 -5.01 45.70
CA GLU E 117 -9.59 -5.95 44.77
C GLU E 117 -10.67 -6.94 44.38
N ASN E 118 -10.53 -7.59 43.24
CA ASN E 118 -11.58 -8.51 42.78
C ASN E 118 -11.57 -9.89 43.43
N LYS E 119 -10.54 -10.69 43.12
CA LYS E 119 -10.42 -12.03 43.69
C LYS E 119 -9.45 -12.00 44.87
N PRO E 120 -9.94 -12.39 46.05
CA PRO E 120 -9.11 -12.47 47.26
C PRO E 120 -7.89 -13.39 47.07
N GLY E 121 -6.63 -12.93 47.23
CA GLY E 121 -5.42 -13.69 46.78
C GLY E 121 -4.38 -13.95 47.87
#